data_1GAG
#
_entry.id   1GAG
#
_cell.length_a   66.3
_cell.length_b   66.3
_cell.length_c   138.1
_cell.angle_alpha   90
_cell.angle_beta   90
_cell.angle_gamma   120
#
_symmetry.space_group_name_H-M   'P 32 2 1'
#
loop_
_entity.id
_entity.type
_entity.pdbx_description
1 polymer 'INSULIN RECEPTOR, TYROSINE KINASE DOMAIN'
2 polymer 'BISUBSTRATE PEPTIDE INHIBITOR'
3 non-polymer 'MAGNESIUM ION'
4 non-polymer 'THIOPHOSPHORIC ACID O-((ADENOSYL-PHOSPHO)PHOSPHO)-S-ACETAMIDYL-DIESTER'
5 water water
#
loop_
_entity_poly.entity_id
_entity_poly.type
_entity_poly.pdbx_seq_one_letter_code
_entity_poly.pdbx_strand_id
1 'polypeptide(L)'
;VFPSSVFVPDEWEVSREKITLLRELGQGSFGMVYEGNARDIIKGEAETRVAVKTVNESASLRERIEFLNEASVMKGFTCH
HVVRLLGVVSKGQPTLVVMELMAHGDLKSYLRSLRPEAENNPGRPPPTLQEMIQMAAEIADGMAYLNAKKFVHRDLAARN
CMVAHDFTVKIGDFGMTRDI(PTR)ETD(PTR)(PTR)RKGGKGLLPVRWMAPESLKDGVFTTSSDMWSFGVVLWEITSL
AEQPYQGLSNEQVLKFVMDGGYLDQPDNCPERVTDLMRMCWQFNPKMRPTFLEIVNLLKDDLHPSFPEVSFFHSEENK
;
A
2 'polypeptide(L)' PATGDFMNMSPVG B
#
# COMPACT_ATOMS: atom_id res chain seq x y z
N SER A 4 -22.20 9.79 32.44
CA SER A 4 -20.74 10.01 32.20
C SER A 4 -20.17 9.24 31.01
N SER A 5 -19.23 9.88 30.32
CA SER A 5 -18.57 9.33 29.14
C SER A 5 -17.78 8.04 29.34
N VAL A 6 -17.20 7.87 30.52
CA VAL A 6 -16.40 6.70 30.85
C VAL A 6 -17.06 5.35 30.54
N PHE A 7 -18.38 5.31 30.57
CA PHE A 7 -19.10 4.05 30.32
C PHE A 7 -19.34 3.72 28.86
N VAL A 8 -18.76 4.51 27.97
CA VAL A 8 -18.92 4.25 26.54
C VAL A 8 -17.56 4.48 25.90
N PRO A 9 -16.58 3.61 26.22
CA PRO A 9 -15.20 3.66 25.72
C PRO A 9 -15.01 3.17 24.29
N ASP A 10 -13.85 3.51 23.75
CA ASP A 10 -13.45 3.09 22.41
C ASP A 10 -12.48 1.94 22.66
N GLU A 11 -12.74 0.79 22.06
CA GLU A 11 -11.90 -0.38 22.26
C GLU A 11 -10.45 -0.19 21.82
N TRP A 12 -10.20 0.72 20.87
CA TRP A 12 -8.84 0.94 20.40
C TRP A 12 -8.03 1.98 21.18
N GLU A 13 -8.69 2.71 22.08
CA GLU A 13 -8.00 3.72 22.86
C GLU A 13 -6.84 3.09 23.63
N VAL A 14 -5.69 3.76 23.60
CA VAL A 14 -4.50 3.31 24.30
C VAL A 14 -3.92 4.50 25.04
N SER A 15 -3.43 4.25 26.25
CA SER A 15 -2.87 5.31 27.06
C SER A 15 -1.55 5.83 26.51
N ARG A 16 -1.42 7.15 26.39
CA ARG A 16 -0.19 7.75 25.88
C ARG A 16 1.03 7.31 26.69
N GLU A 17 0.79 6.94 27.94
CA GLU A 17 1.85 6.49 28.85
C GLU A 17 2.55 5.23 28.35
N LYS A 18 1.85 4.40 27.61
CA LYS A 18 2.41 3.15 27.10
C LYS A 18 3.23 3.32 25.84
N ILE A 19 3.19 4.51 25.25
CA ILE A 19 3.93 4.77 24.03
C ILE A 19 5.26 5.47 24.27
N THR A 20 6.27 5.08 23.50
CA THR A 20 7.61 5.66 23.59
C THR A 20 8.15 5.86 22.19
N LEU A 21 8.57 7.08 21.87
CA LEU A 21 9.12 7.37 20.54
C LEU A 21 10.65 7.28 20.55
N LEU A 22 11.21 6.72 19.47
CA LEU A 22 12.65 6.54 19.35
C LEU A 22 13.27 7.35 18.22
N ARG A 23 12.66 7.26 17.04
CA ARG A 23 13.21 7.97 15.89
C ARG A 23 12.19 8.14 14.79
N GLU A 24 12.52 9.02 13.85
CA GLU A 24 11.68 9.29 12.71
C GLU A 24 11.83 8.16 11.67
N LEU A 25 10.71 7.62 11.21
CA LEU A 25 10.72 6.57 10.20
C LEU A 25 10.45 7.22 8.86
N GLY A 26 9.96 8.46 8.89
CA GLY A 26 9.68 9.14 7.65
C GLY A 26 8.69 10.28 7.81
N GLN A 27 8.44 10.99 6.71
CA GLN A 27 7.52 12.09 6.74
C GLN A 27 6.45 11.93 5.69
N GLY A 28 5.20 12.03 6.13
CA GLY A 28 4.08 11.89 5.23
C GLY A 28 3.72 13.28 4.74
N SER A 29 2.89 13.36 3.72
CA SER A 29 2.51 14.65 3.18
C SER A 29 2.02 15.67 4.21
N PHE A 30 1.46 15.23 5.34
CA PHE A 30 0.99 16.20 6.34
C PHE A 30 1.10 15.72 7.79
N GLY A 31 1.98 14.75 8.02
CA GLY A 31 2.16 14.24 9.36
C GLY A 31 3.57 13.74 9.50
N MET A 32 3.79 12.90 10.50
CA MET A 32 5.10 12.31 10.77
C MET A 32 4.90 10.90 11.24
N VAL A 33 5.80 10.01 10.83
CA VAL A 33 5.74 8.61 11.23
C VAL A 33 6.95 8.35 12.11
N TYR A 34 6.73 7.87 13.33
CA TYR A 34 7.82 7.60 14.26
C TYR A 34 7.88 6.13 14.63
N GLU A 35 9.09 5.66 14.94
CA GLU A 35 9.30 4.29 15.40
C GLU A 35 9.37 4.39 16.92
N GLY A 36 8.81 3.40 17.60
CA GLY A 36 8.84 3.41 19.05
C GLY A 36 8.40 2.07 19.60
N ASN A 37 8.33 1.97 20.92
CA ASN A 37 7.89 0.74 21.55
C ASN A 37 6.68 1.09 22.41
N ALA A 38 5.79 0.13 22.60
CA ALA A 38 4.61 0.35 23.44
C ALA A 38 4.56 -0.77 24.47
N ARG A 39 4.30 -0.41 25.73
CA ARG A 39 4.23 -1.39 26.79
C ARG A 39 2.81 -2.00 26.86
N ASP A 40 2.74 -3.32 26.88
CA ASP A 40 1.48 -4.03 26.94
C ASP A 40 0.33 -3.50 26.11
N ILE A 41 0.38 -3.79 24.82
CA ILE A 41 -0.69 -3.37 23.92
C ILE A 41 -1.17 -4.63 23.23
N ILE A 42 -0.42 -5.71 23.42
CA ILE A 42 -0.78 -6.99 22.85
C ILE A 42 -0.63 -8.05 23.93
N LYS A 43 -1.68 -8.83 24.12
CA LYS A 43 -1.68 -9.89 25.12
C LYS A 43 -0.59 -10.91 24.80
N GLY A 44 0.36 -11.07 25.73
CA GLY A 44 1.43 -12.02 25.52
C GLY A 44 2.77 -11.38 25.27
N GLU A 45 2.75 -10.11 24.86
CA GLU A 45 3.95 -9.34 24.58
C GLU A 45 4.05 -8.22 25.59
N ALA A 46 5.12 -8.20 26.38
CA ALA A 46 5.29 -7.14 27.36
C ALA A 46 5.52 -5.81 26.63
N GLU A 47 6.40 -5.83 25.63
CA GLU A 47 6.71 -4.64 24.85
C GLU A 47 6.56 -4.98 23.37
N THR A 48 6.13 -4.00 22.57
CA THR A 48 5.98 -4.25 21.14
C THR A 48 6.52 -3.11 20.29
N ARG A 49 7.42 -3.43 19.35
CA ARG A 49 7.98 -2.44 18.44
C ARG A 49 6.82 -1.92 17.58
N VAL A 50 6.77 -0.63 17.34
CA VAL A 50 5.67 -0.06 16.55
C VAL A 50 6.01 1.20 15.74
N ALA A 51 5.13 1.53 14.80
CA ALA A 51 5.26 2.72 14.00
C ALA A 51 4.06 3.57 14.45
N VAL A 52 4.27 4.86 14.63
CA VAL A 52 3.20 5.76 15.09
C VAL A 52 3.06 6.96 14.16
N LYS A 53 1.84 7.21 13.69
CA LYS A 53 1.57 8.32 12.79
C LYS A 53 0.91 9.47 13.54
N THR A 54 1.41 10.68 13.34
CA THR A 54 0.82 11.87 13.97
C THR A 54 0.19 12.73 12.89
N VAL A 55 -0.41 13.84 13.30
CA VAL A 55 -1.01 14.77 12.36
C VAL A 55 -0.62 16.19 12.74
N ASN A 56 0.07 16.87 11.82
CA ASN A 56 0.53 18.25 12.03
C ASN A 56 -0.58 19.19 12.47
N GLU A 57 -0.30 20.02 13.46
CA GLU A 57 -1.28 20.98 13.94
C GLU A 57 -1.91 21.71 12.75
N SER A 58 -1.08 21.99 11.75
CA SER A 58 -1.50 22.70 10.56
C SER A 58 -2.23 21.85 9.52
N ALA A 59 -2.53 20.60 9.85
CA ALA A 59 -3.22 19.71 8.93
C ALA A 59 -4.56 20.32 8.54
N SER A 60 -4.89 20.28 7.26
CA SER A 60 -6.15 20.84 6.79
C SER A 60 -7.31 19.88 7.09
N LEU A 61 -8.53 20.40 7.00
CA LEU A 61 -9.72 19.60 7.24
C LEU A 61 -9.70 18.38 6.33
N ARG A 62 -9.46 18.60 5.05
CA ARG A 62 -9.43 17.52 4.09
C ARG A 62 -8.43 16.45 4.55
N GLU A 63 -7.21 16.88 4.84
CA GLU A 63 -6.18 15.94 5.29
C GLU A 63 -6.63 15.16 6.54
N ARG A 64 -7.19 15.85 7.52
CA ARG A 64 -7.66 15.15 8.73
C ARG A 64 -8.81 14.22 8.38
N ILE A 65 -9.61 14.58 7.38
CA ILE A 65 -10.72 13.73 6.98
C ILE A 65 -10.17 12.48 6.30
N GLU A 66 -9.08 12.65 5.57
CA GLU A 66 -8.45 11.51 4.89
C GLU A 66 -7.76 10.65 5.95
N PHE A 67 -7.21 11.31 6.97
CA PHE A 67 -6.52 10.61 8.05
C PHE A 67 -7.56 9.81 8.84
N LEU A 68 -8.77 10.34 8.93
CA LEU A 68 -9.84 9.67 9.66
C LEU A 68 -10.21 8.34 8.98
N ASN A 69 -10.33 8.38 7.66
CA ASN A 69 -10.70 7.20 6.87
C ASN A 69 -9.61 6.12 6.93
N GLU A 70 -8.36 6.55 6.86
CA GLU A 70 -7.22 5.64 6.91
C GLU A 70 -7.35 4.76 8.15
N ALA A 71 -7.41 5.41 9.31
CA ALA A 71 -7.52 4.69 10.56
C ALA A 71 -8.74 3.79 10.65
N SER A 72 -9.89 4.32 10.25
CA SER A 72 -11.13 3.58 10.34
C SER A 72 -11.24 2.32 9.48
N VAL A 73 -10.89 2.40 8.20
CA VAL A 73 -10.97 1.21 7.36
C VAL A 73 -10.05 0.15 7.97
N MET A 74 -8.91 0.58 8.49
CA MET A 74 -7.97 -0.34 9.10
C MET A 74 -8.54 -1.07 10.32
N LYS A 75 -9.35 -0.37 11.12
CA LYS A 75 -9.92 -0.98 12.31
C LYS A 75 -10.54 -2.35 12.01
N GLY A 76 -11.10 -2.49 10.82
CA GLY A 76 -11.74 -3.75 10.44
C GLY A 76 -10.94 -4.79 9.69
N PHE A 77 -9.64 -4.57 9.44
CA PHE A 77 -8.84 -5.56 8.73
C PHE A 77 -8.06 -6.49 9.64
N THR A 78 -7.80 -7.70 9.14
CA THR A 78 -7.04 -8.70 9.87
C THR A 78 -6.50 -9.65 8.82
N CYS A 79 -5.30 -9.35 8.34
CA CYS A 79 -4.65 -10.14 7.32
C CYS A 79 -3.13 -9.98 7.44
N HIS A 80 -2.43 -11.09 7.49
CA HIS A 80 -0.99 -11.09 7.62
C HIS A 80 -0.26 -10.22 6.60
N HIS A 81 -0.85 -9.99 5.43
CA HIS A 81 -0.17 -9.18 4.41
C HIS A 81 -0.69 -7.75 4.29
N VAL A 82 -1.29 -7.27 5.37
CA VAL A 82 -1.82 -5.92 5.45
C VAL A 82 -1.31 -5.30 6.75
N VAL A 83 -0.76 -4.08 6.67
CA VAL A 83 -0.25 -3.43 7.86
C VAL A 83 -1.38 -3.39 8.88
N ARG A 84 -1.11 -3.92 10.06
CA ARG A 84 -2.11 -4.01 11.13
C ARG A 84 -2.15 -2.81 12.10
N LEU A 85 -3.37 -2.33 12.38
CA LEU A 85 -3.57 -1.23 13.31
C LEU A 85 -3.53 -1.80 14.73
N LEU A 86 -2.87 -1.12 15.65
CA LEU A 86 -2.77 -1.62 17.01
C LEU A 86 -3.49 -0.81 18.07
N GLY A 87 -3.59 0.49 17.88
CA GLY A 87 -4.26 1.31 18.87
C GLY A 87 -4.38 2.77 18.46
N VAL A 88 -5.06 3.56 19.30
CA VAL A 88 -5.23 4.97 19.01
C VAL A 88 -5.16 5.79 20.29
N VAL A 89 -4.25 6.75 20.32
CA VAL A 89 -4.13 7.60 21.49
C VAL A 89 -4.79 8.93 21.16
N SER A 90 -5.90 9.21 21.82
CA SER A 90 -6.62 10.46 21.57
C SER A 90 -6.84 11.27 22.85
N LYS A 91 -6.56 10.66 24.00
CA LYS A 91 -6.71 11.39 25.24
C LYS A 91 -5.57 12.40 25.22
N GLY A 92 -5.88 13.62 24.76
CA GLY A 92 -4.88 14.66 24.69
C GLY A 92 -4.37 14.90 23.27
N GLN A 93 -3.30 15.68 23.16
CA GLN A 93 -2.72 15.99 21.87
C GLN A 93 -1.22 15.69 21.86
N PRO A 94 -0.67 15.34 20.68
CA PRO A 94 -1.42 15.21 19.42
C PRO A 94 -1.97 13.79 19.36
N THR A 95 -2.97 13.58 18.52
CA THR A 95 -3.54 12.25 18.38
C THR A 95 -2.47 11.31 17.84
N LEU A 96 -2.47 10.08 18.30
CA LEU A 96 -1.49 9.11 17.83
C LEU A 96 -2.16 7.85 17.31
N VAL A 97 -1.75 7.45 16.10
CA VAL A 97 -2.27 6.24 15.49
C VAL A 97 -1.12 5.23 15.55
N VAL A 98 -1.33 4.13 16.27
CA VAL A 98 -0.28 3.13 16.42
C VAL A 98 -0.51 1.89 15.55
N MET A 99 0.47 1.61 14.69
CA MET A 99 0.41 0.46 13.77
C MET A 99 1.62 -0.46 13.97
N GLU A 100 1.60 -1.62 13.32
CA GLU A 100 2.72 -2.53 13.46
C GLU A 100 3.91 -1.95 12.74
N LEU A 101 5.11 -2.09 13.31
CA LEU A 101 6.32 -1.57 12.70
C LEU A 101 6.82 -2.45 11.56
N MET A 102 7.06 -1.83 10.41
CA MET A 102 7.59 -2.54 9.26
C MET A 102 9.05 -2.08 9.15
N ALA A 103 9.90 -2.67 10.00
CA ALA A 103 11.33 -2.37 10.10
C ALA A 103 12.03 -1.68 8.92
N HIS A 104 11.90 -2.26 7.73
CA HIS A 104 12.57 -1.73 6.54
C HIS A 104 11.80 -0.66 5.73
N GLY A 105 10.75 -0.08 6.32
CA GLY A 105 9.99 0.97 5.63
C GLY A 105 9.19 0.57 4.39
N ASP A 106 8.99 1.55 3.51
CA ASP A 106 8.23 1.36 2.28
C ASP A 106 9.04 0.67 1.20
N LEU A 107 8.34 -0.07 0.34
CA LEU A 107 8.97 -0.81 -0.74
C LEU A 107 9.80 0.05 -1.69
N LYS A 108 9.34 1.26 -2.02
CA LYS A 108 10.09 2.12 -2.94
C LYS A 108 11.47 2.45 -2.35
N SER A 109 11.48 2.91 -1.10
CA SER A 109 12.74 3.22 -0.41
C SER A 109 13.61 1.97 -0.36
N TYR A 110 13.03 0.89 0.16
CA TYR A 110 13.75 -0.37 0.29
C TYR A 110 14.37 -0.77 -1.03
N LEU A 111 13.54 -0.84 -2.06
CA LEU A 111 14.03 -1.23 -3.37
C LEU A 111 15.22 -0.37 -3.78
N ARG A 112 15.12 0.93 -3.58
CA ARG A 112 16.18 1.84 -3.96
C ARG A 112 17.48 1.60 -3.22
N SER A 113 17.40 1.19 -1.97
CA SER A 113 18.62 0.96 -1.19
C SER A 113 19.40 -0.26 -1.69
N LEU A 114 18.71 -1.17 -2.38
CA LEU A 114 19.35 -2.37 -2.88
C LEU A 114 20.16 -2.13 -4.16
N ARG A 115 20.03 -0.95 -4.75
CA ARG A 115 20.83 -0.65 -5.94
C ARG A 115 22.28 -0.85 -5.50
N PRO A 116 23.13 -1.39 -6.38
CA PRO A 116 24.52 -1.57 -5.94
C PRO A 116 25.26 -0.29 -5.57
N GLU A 117 24.91 0.82 -6.21
CA GLU A 117 25.57 2.10 -5.93
C GLU A 117 24.93 2.92 -4.81
N ALA A 118 23.80 2.44 -4.27
CA ALA A 118 23.09 3.15 -3.20
C ALA A 118 23.94 3.47 -1.97
N GLU A 119 23.91 4.73 -1.56
CA GLU A 119 24.68 5.18 -0.40
C GLU A 119 24.22 4.52 0.89
N ASN A 120 23.14 3.73 0.81
CA ASN A 120 22.63 3.07 2.00
C ASN A 120 22.34 1.59 1.81
N ASN A 121 22.97 1.00 0.79
CA ASN A 121 22.80 -0.41 0.51
C ASN A 121 23.05 -1.18 1.82
N PRO A 122 22.12 -2.09 2.19
CA PRO A 122 22.26 -2.88 3.42
C PRO A 122 23.27 -4.03 3.34
N GLY A 123 23.88 -4.23 2.19
CA GLY A 123 24.87 -5.29 2.05
C GLY A 123 24.34 -6.60 1.46
N ARG A 124 23.35 -6.49 0.58
CA ARG A 124 22.80 -7.67 -0.06
C ARG A 124 22.26 -7.36 -1.46
N PRO A 125 22.39 -8.31 -2.39
CA PRO A 125 21.96 -8.21 -3.79
C PRO A 125 20.51 -7.80 -4.00
N PRO A 126 20.23 -7.19 -5.15
CA PRO A 126 18.86 -6.76 -5.46
C PRO A 126 17.94 -7.98 -5.39
N PRO A 127 16.62 -7.75 -5.29
CA PRO A 127 15.69 -8.87 -5.22
C PRO A 127 15.87 -9.89 -6.35
N THR A 128 15.86 -11.17 -5.99
CA THR A 128 16.01 -12.26 -6.96
C THR A 128 14.65 -12.60 -7.57
N LEU A 129 14.66 -13.35 -8.66
CA LEU A 129 13.40 -13.72 -9.29
C LEU A 129 12.46 -14.25 -8.22
N GLN A 130 12.96 -15.18 -7.41
CA GLN A 130 12.17 -15.78 -6.35
C GLN A 130 11.67 -14.77 -5.31
N GLU A 131 12.55 -13.86 -4.90
CA GLU A 131 12.16 -12.87 -3.92
C GLU A 131 11.15 -11.90 -4.52
N MET A 132 11.17 -11.76 -5.85
CA MET A 132 10.22 -10.87 -6.50
C MET A 132 8.85 -11.52 -6.56
N ILE A 133 8.80 -12.81 -6.89
CA ILE A 133 7.52 -13.51 -6.94
C ILE A 133 6.89 -13.50 -5.55
N GLN A 134 7.72 -13.71 -4.52
CA GLN A 134 7.25 -13.70 -3.13
C GLN A 134 6.57 -12.35 -2.83
N MET A 135 7.24 -11.26 -3.17
CA MET A 135 6.66 -9.93 -2.95
C MET A 135 5.35 -9.83 -3.71
N ALA A 136 5.38 -10.12 -4.99
CA ALA A 136 4.18 -10.05 -5.81
C ALA A 136 3.09 -10.88 -5.15
N ALA A 137 3.45 -12.08 -4.70
CA ALA A 137 2.49 -12.96 -4.06
C ALA A 137 1.91 -12.37 -2.76
N GLU A 138 2.74 -11.71 -1.97
CA GLU A 138 2.27 -11.15 -0.70
C GLU A 138 1.40 -9.91 -0.92
N ILE A 139 1.75 -9.11 -1.92
CA ILE A 139 0.98 -7.92 -2.20
C ILE A 139 -0.37 -8.34 -2.77
N ALA A 140 -0.36 -9.35 -3.63
CA ALA A 140 -1.58 -9.86 -4.24
C ALA A 140 -2.54 -10.43 -3.18
N ASP A 141 -1.99 -11.19 -2.23
CA ASP A 141 -2.79 -11.80 -1.16
C ASP A 141 -3.50 -10.72 -0.36
N GLY A 142 -2.71 -9.78 0.18
CA GLY A 142 -3.27 -8.70 0.96
C GLY A 142 -4.38 -8.00 0.20
N MET A 143 -4.07 -7.63 -1.05
CA MET A 143 -5.05 -6.97 -1.91
C MET A 143 -6.30 -7.81 -2.13
N ALA A 144 -6.13 -9.12 -2.28
CA ALA A 144 -7.26 -10.01 -2.49
C ALA A 144 -8.16 -9.95 -1.26
N TYR A 145 -7.53 -9.95 -0.09
CA TYR A 145 -8.25 -9.88 1.18
C TYR A 145 -9.07 -8.60 1.20
N LEU A 146 -8.42 -7.51 0.82
CA LEU A 146 -9.02 -6.19 0.76
C LEU A 146 -10.24 -6.23 -0.15
N ASN A 147 -10.10 -6.92 -1.27
CA ASN A 147 -11.17 -7.03 -2.24
C ASN A 147 -12.31 -7.87 -1.68
N ALA A 148 -11.96 -8.91 -0.92
CA ALA A 148 -12.98 -9.76 -0.32
C ALA A 148 -13.81 -8.89 0.62
N LYS A 149 -13.15 -8.11 1.47
CA LYS A 149 -13.83 -7.23 2.41
C LYS A 149 -14.67 -6.18 1.66
N LYS A 150 -14.51 -6.14 0.34
CA LYS A 150 -15.24 -5.20 -0.53
C LYS A 150 -14.75 -3.76 -0.44
N PHE A 151 -13.44 -3.59 -0.62
CA PHE A 151 -12.82 -2.28 -0.58
C PHE A 151 -11.88 -2.09 -1.75
N VAL A 152 -11.94 -0.93 -2.39
CA VAL A 152 -11.04 -0.64 -3.49
C VAL A 152 -10.02 0.31 -2.86
N HIS A 153 -8.75 -0.03 -2.98
CA HIS A 153 -7.64 0.74 -2.38
C HIS A 153 -7.41 2.07 -3.10
N ARG A 154 -7.37 2.03 -4.43
CA ARG A 154 -7.19 3.22 -5.26
C ARG A 154 -5.80 3.84 -5.26
N ASP A 155 -4.93 3.39 -4.37
CA ASP A 155 -3.60 3.98 -4.33
C ASP A 155 -2.46 3.00 -4.03
N LEU A 156 -2.41 1.94 -4.83
CA LEU A 156 -1.40 0.89 -4.70
C LEU A 156 -0.14 1.27 -5.48
N ALA A 157 0.97 1.42 -4.76
CA ALA A 157 2.23 1.77 -5.37
C ALA A 157 3.32 1.30 -4.42
N ALA A 158 4.56 1.28 -4.89
CA ALA A 158 5.65 0.83 -4.02
C ALA A 158 5.70 1.66 -2.73
N ARG A 159 5.56 2.97 -2.85
CA ARG A 159 5.58 3.88 -1.69
C ARG A 159 4.56 3.51 -0.62
N ASN A 160 3.47 2.86 -1.04
CA ASN A 160 2.41 2.48 -0.12
C ASN A 160 2.47 1.03 0.33
N CYS A 161 3.56 0.35 -0.01
CA CYS A 161 3.75 -1.03 0.42
C CYS A 161 4.89 -1.00 1.44
N MET A 162 4.73 -1.75 2.54
CA MET A 162 5.76 -1.77 3.57
C MET A 162 6.55 -3.08 3.58
N VAL A 163 7.74 -3.04 4.17
CA VAL A 163 8.59 -4.22 4.24
C VAL A 163 8.95 -4.48 5.70
N ALA A 164 8.65 -5.70 6.16
CA ALA A 164 8.89 -6.10 7.54
C ALA A 164 10.34 -6.49 7.81
N HIS A 165 10.65 -6.71 9.09
CA HIS A 165 11.99 -7.09 9.51
C HIS A 165 12.34 -8.42 8.88
N ASP A 166 11.34 -9.26 8.66
CA ASP A 166 11.56 -10.56 8.06
C ASP A 166 11.39 -10.48 6.54
N PHE A 167 11.24 -9.26 6.03
CA PHE A 167 11.08 -8.99 4.61
C PHE A 167 9.72 -9.28 3.96
N THR A 168 8.70 -9.51 4.78
CA THR A 168 7.38 -9.74 4.24
C THR A 168 6.81 -8.40 3.83
N VAL A 169 6.25 -8.34 2.63
CA VAL A 169 5.66 -7.10 2.16
C VAL A 169 4.17 -7.12 2.49
N LYS A 170 3.65 -5.97 2.89
CA LYS A 170 2.23 -5.85 3.26
C LYS A 170 1.67 -4.54 2.74
N ILE A 171 0.38 -4.53 2.43
CA ILE A 171 -0.28 -3.33 1.93
C ILE A 171 -0.48 -2.34 3.06
N GLY A 172 -0.28 -1.06 2.78
CA GLY A 172 -0.45 -0.03 3.79
C GLY A 172 -1.14 1.21 3.23
N ASP A 173 -1.02 2.32 3.95
CA ASP A 173 -1.63 3.59 3.55
C ASP A 173 -3.02 3.44 2.94
N PHE A 174 -4.05 3.44 3.78
CA PHE A 174 -5.42 3.26 3.32
C PHE A 174 -6.20 4.57 3.34
N GLY A 175 -5.54 5.67 3.05
CA GLY A 175 -6.21 6.96 3.05
C GLY A 175 -7.21 7.10 1.92
N MET A 176 -6.89 6.55 0.76
CA MET A 176 -7.76 6.63 -0.40
C MET A 176 -8.74 5.46 -0.58
N THR A 177 -8.65 4.46 0.30
CA THR A 177 -9.53 3.29 0.26
C THR A 177 -11.02 3.67 0.28
N ARG A 178 -11.85 2.86 -0.40
CA ARG A 178 -13.28 3.14 -0.45
C ARG A 178 -14.08 1.83 -0.45
N ASP A 179 -15.22 1.88 0.22
CA ASP A 179 -16.13 0.74 0.31
C ASP A 179 -16.89 0.66 -1.01
N ILE A 180 -16.89 -0.52 -1.62
CA ILE A 180 -17.61 -0.72 -2.87
C ILE A 180 -18.57 -1.90 -2.71
N GLU A 182 -21.79 -2.36 -1.98
CA GLU A 182 -23.06 -2.36 -2.70
C GLU A 182 -22.99 -2.29 -4.23
N THR A 183 -22.03 -1.55 -4.78
CA THR A 183 -21.95 -1.41 -6.22
C THR A 183 -20.68 -1.96 -6.89
N ASP A 184 -19.70 -2.37 -6.08
CA ASP A 184 -18.45 -2.91 -6.58
C ASP A 184 -17.60 -1.88 -7.31
N ARG A 187 -17.07 5.93 -8.04
CA ARG A 187 -16.89 6.95 -9.06
C ARG A 187 -16.64 8.30 -8.40
N LYS A 188 -15.42 8.80 -8.51
CA LYS A 188 -15.09 10.08 -7.89
C LYS A 188 -15.91 11.23 -8.45
N GLY A 189 -16.28 12.14 -7.56
CA GLY A 189 -17.07 13.28 -7.94
C GLY A 189 -16.24 14.44 -8.47
N GLY A 190 -15.89 15.34 -7.57
CA GLY A 190 -15.13 16.52 -7.94
C GLY A 190 -13.65 16.35 -8.25
N LYS A 191 -12.90 17.44 -8.03
CA LYS A 191 -11.47 17.46 -8.25
C LYS A 191 -10.78 16.81 -7.05
N GLY A 192 -9.58 16.29 -7.25
CA GLY A 192 -8.87 15.65 -6.15
C GLY A 192 -7.49 15.16 -6.54
N LEU A 193 -6.57 15.13 -5.58
CA LEU A 193 -5.21 14.66 -5.81
C LEU A 193 -5.19 13.17 -6.11
N LEU A 194 -4.90 12.81 -7.35
CA LEU A 194 -4.87 11.40 -7.75
C LEU A 194 -3.48 10.97 -8.21
N PRO A 195 -3.10 9.71 -7.91
CA PRO A 195 -1.80 9.16 -8.30
C PRO A 195 -1.75 8.73 -9.77
N VAL A 196 -1.84 9.70 -10.67
CA VAL A 196 -1.83 9.49 -12.11
C VAL A 196 -0.99 8.35 -12.68
N ARG A 197 0.32 8.36 -12.40
CA ARG A 197 1.23 7.33 -12.91
C ARG A 197 0.90 5.89 -12.51
N TRP A 198 -0.14 5.73 -11.70
CA TRP A 198 -0.53 4.40 -11.25
C TRP A 198 -1.99 4.10 -11.60
N MET A 199 -2.68 5.05 -12.22
CA MET A 199 -4.10 4.87 -12.54
C MET A 199 -4.47 4.17 -13.84
N ALA A 200 -5.60 3.48 -13.80
CA ALA A 200 -6.11 2.77 -14.96
C ALA A 200 -6.71 3.78 -15.93
N PRO A 201 -6.79 3.43 -17.22
CA PRO A 201 -7.36 4.33 -18.23
C PRO A 201 -8.82 4.73 -17.96
N GLU A 202 -9.66 3.78 -17.57
CA GLU A 202 -11.05 4.11 -17.28
C GLU A 202 -11.12 5.01 -16.04
N SER A 203 -10.21 4.82 -15.09
CA SER A 203 -10.19 5.65 -13.89
C SER A 203 -9.79 7.07 -14.27
N LEU A 204 -8.87 7.21 -15.22
CA LEU A 204 -8.44 8.53 -15.67
C LEU A 204 -9.54 9.19 -16.50
N LYS A 205 -10.14 8.42 -17.40
CA LYS A 205 -11.19 8.96 -18.26
C LYS A 205 -12.48 9.29 -17.51
N ASP A 206 -13.10 8.30 -16.87
CA ASP A 206 -14.36 8.52 -16.17
C ASP A 206 -14.32 8.63 -14.64
N GLY A 207 -13.12 8.61 -14.06
CA GLY A 207 -13.01 8.72 -12.62
C GLY A 207 -13.56 7.53 -11.86
N VAL A 208 -13.61 6.38 -12.52
CA VAL A 208 -14.14 5.14 -11.93
C VAL A 208 -13.06 4.24 -11.31
N PHE A 209 -13.35 3.70 -10.14
CA PHE A 209 -12.40 2.81 -9.45
C PHE A 209 -12.99 1.44 -9.10
N THR A 210 -12.32 0.39 -9.55
CA THR A 210 -12.76 -0.99 -9.31
C THR A 210 -11.58 -1.78 -8.81
N THR A 211 -11.77 -3.06 -8.54
CA THR A 211 -10.67 -3.87 -8.11
C THR A 211 -9.82 -4.13 -9.35
N SER A 212 -10.41 -3.85 -10.52
CA SER A 212 -9.74 -4.02 -11.80
C SER A 212 -8.76 -2.86 -11.98
N SER A 213 -9.11 -1.67 -11.50
CA SER A 213 -8.18 -0.57 -11.64
C SER A 213 -7.05 -0.84 -10.64
N ASP A 214 -7.38 -1.44 -9.50
CA ASP A 214 -6.36 -1.77 -8.51
C ASP A 214 -5.38 -2.79 -9.13
N MET A 215 -5.88 -3.65 -10.01
CA MET A 215 -5.03 -4.64 -10.66
C MET A 215 -4.02 -3.95 -11.57
N TRP A 216 -4.46 -2.88 -12.23
CA TRP A 216 -3.60 -2.10 -13.10
C TRP A 216 -2.44 -1.52 -12.28
N SER A 217 -2.76 -0.99 -11.10
CA SER A 217 -1.75 -0.42 -10.21
C SER A 217 -0.77 -1.51 -9.78
N PHE A 218 -1.29 -2.72 -9.56
CA PHE A 218 -0.44 -3.84 -9.17
C PHE A 218 0.66 -3.99 -10.24
N GLY A 219 0.26 -4.03 -11.50
CA GLY A 219 1.22 -4.15 -12.59
C GLY A 219 2.29 -3.09 -12.50
N VAL A 220 1.92 -1.84 -12.25
CA VAL A 220 2.91 -0.78 -12.13
C VAL A 220 3.81 -1.06 -10.93
N VAL A 221 3.25 -1.69 -9.89
CA VAL A 221 4.07 -2.03 -8.74
C VAL A 221 5.08 -3.11 -9.15
N LEU A 222 4.64 -4.03 -10.02
CA LEU A 222 5.55 -5.08 -10.49
C LEU A 222 6.68 -4.38 -11.24
N TRP A 223 6.31 -3.40 -12.04
CA TRP A 223 7.26 -2.63 -12.82
C TRP A 223 8.21 -1.88 -11.87
N GLU A 224 7.66 -1.28 -10.82
CA GLU A 224 8.51 -0.56 -9.87
C GLU A 224 9.52 -1.54 -9.29
N ILE A 225 9.04 -2.73 -8.96
CA ILE A 225 9.88 -3.79 -8.39
C ILE A 225 11.02 -4.22 -9.31
N THR A 226 10.73 -4.47 -10.59
CA THR A 226 11.75 -4.91 -11.54
C THR A 226 12.68 -3.80 -12.04
N SER A 227 12.51 -2.59 -11.56
CA SER A 227 13.39 -1.51 -11.99
C SER A 227 13.98 -0.83 -10.75
N LEU A 228 13.83 -1.50 -9.62
CA LEU A 228 14.33 -0.99 -8.35
C LEU A 228 13.76 0.39 -8.02
N ALA A 229 12.47 0.55 -8.33
CA ALA A 229 11.74 1.79 -8.04
C ALA A 229 12.09 3.03 -8.84
N GLU A 230 12.30 2.89 -10.13
CA GLU A 230 12.58 4.08 -10.94
C GLU A 230 11.23 4.79 -11.12
N GLN A 231 11.25 5.94 -11.77
CA GLN A 231 10.03 6.69 -12.00
C GLN A 231 9.26 6.18 -13.21
N PRO A 232 8.00 5.79 -13.03
CA PRO A 232 7.21 5.31 -14.17
C PRO A 232 7.04 6.47 -15.15
N TYR A 233 7.12 6.17 -16.44
CA TYR A 233 7.00 7.18 -17.49
C TYR A 233 8.01 8.30 -17.25
N GLN A 234 9.20 7.90 -16.82
CA GLN A 234 10.29 8.84 -16.55
C GLN A 234 10.52 9.75 -17.79
N GLY A 235 10.28 11.05 -17.60
CA GLY A 235 10.46 12.00 -18.69
C GLY A 235 9.16 12.58 -19.24
N LEU A 236 8.04 12.16 -18.66
CA LEU A 236 6.72 12.66 -19.08
C LEU A 236 5.97 13.23 -17.89
N SER A 237 5.40 14.42 -18.08
CA SER A 237 4.65 15.10 -17.04
C SER A 237 3.33 14.37 -16.78
N ASN A 238 2.78 14.54 -15.58
CA ASN A 238 1.52 13.90 -15.21
C ASN A 238 0.48 14.11 -16.29
N GLU A 239 0.45 15.30 -16.89
CA GLU A 239 -0.50 15.59 -17.94
C GLU A 239 -0.21 14.74 -19.16
N GLN A 240 1.07 14.50 -19.43
CA GLN A 240 1.46 13.69 -20.56
C GLN A 240 1.04 12.22 -20.38
N VAL A 241 1.30 11.66 -19.21
CA VAL A 241 0.94 10.28 -18.91
C VAL A 241 -0.56 10.06 -19.07
N LEU A 242 -1.33 10.96 -18.46
CA LEU A 242 -2.79 10.95 -18.51
C LEU A 242 -3.27 10.76 -19.95
N LYS A 243 -2.74 11.58 -20.86
CA LYS A 243 -3.13 11.48 -22.25
C LYS A 243 -2.64 10.16 -22.87
N PHE A 244 -1.38 9.82 -22.59
CA PHE A 244 -0.76 8.61 -23.12
C PHE A 244 -1.46 7.30 -22.73
N VAL A 245 -1.81 7.18 -21.45
CA VAL A 245 -2.47 5.97 -20.98
C VAL A 245 -3.85 5.84 -21.60
N MET A 246 -4.65 6.90 -21.52
CA MET A 246 -6.00 6.88 -22.09
C MET A 246 -6.00 6.53 -23.58
N ASP A 247 -4.84 6.67 -24.23
CA ASP A 247 -4.76 6.34 -25.65
C ASP A 247 -4.32 4.89 -25.86
N GLY A 248 -4.25 4.14 -24.76
CA GLY A 248 -3.85 2.75 -24.84
C GLY A 248 -2.40 2.51 -24.50
N GLY A 249 -1.68 3.57 -24.10
CA GLY A 249 -0.28 3.41 -23.77
C GLY A 249 0.00 2.70 -22.46
N TYR A 250 1.25 2.28 -22.29
CA TYR A 250 1.70 1.60 -21.08
C TYR A 250 3.23 1.48 -21.00
N LEU A 251 3.72 1.06 -19.85
CA LEU A 251 5.15 0.94 -19.61
C LEU A 251 5.84 -0.19 -20.34
N ASP A 252 7.14 0.00 -20.59
CA ASP A 252 7.96 -1.01 -21.22
C ASP A 252 8.40 -1.93 -20.10
N GLN A 253 9.04 -3.04 -20.47
CA GLN A 253 9.53 -3.97 -19.49
C GLN A 253 10.90 -3.48 -19.08
N PRO A 254 11.12 -3.29 -17.77
CA PRO A 254 12.45 -2.83 -17.36
C PRO A 254 13.48 -3.79 -17.90
N ASP A 255 14.71 -3.29 -18.04
CA ASP A 255 15.80 -4.10 -18.56
C ASP A 255 15.90 -5.48 -17.93
N ASN A 256 16.06 -6.49 -18.77
CA ASN A 256 16.18 -7.86 -18.32
C ASN A 256 15.11 -8.26 -17.33
N CYS A 257 13.91 -7.75 -17.54
CA CYS A 257 12.82 -8.10 -16.65
C CYS A 257 12.50 -9.57 -16.85
N PRO A 258 12.37 -10.33 -15.76
CA PRO A 258 12.07 -11.77 -15.87
C PRO A 258 10.84 -12.00 -16.75
N GLU A 259 10.97 -12.92 -17.71
CA GLU A 259 9.85 -13.23 -18.59
C GLU A 259 8.57 -13.43 -17.80
N ARG A 260 8.65 -14.27 -16.79
CA ARG A 260 7.52 -14.58 -15.93
C ARG A 260 6.85 -13.33 -15.36
N VAL A 261 7.66 -12.34 -14.97
CA VAL A 261 7.12 -11.11 -14.41
C VAL A 261 6.48 -10.26 -15.49
N THR A 262 7.08 -10.26 -16.68
CA THR A 262 6.56 -9.50 -17.81
C THR A 262 5.15 -9.94 -18.15
N ASP A 263 4.87 -11.23 -17.97
CA ASP A 263 3.56 -11.79 -18.28
C ASP A 263 2.46 -11.17 -17.44
N LEU A 264 2.67 -11.13 -16.13
CA LEU A 264 1.69 -10.56 -15.23
C LEU A 264 1.39 -9.12 -15.62
N MET A 265 2.44 -8.38 -15.98
CA MET A 265 2.26 -6.99 -16.40
C MET A 265 1.41 -6.91 -17.66
N ARG A 266 1.55 -7.90 -18.55
CA ARG A 266 0.78 -7.88 -19.78
C ARG A 266 -0.69 -8.02 -19.43
N MET A 267 -0.96 -8.85 -18.42
CA MET A 267 -2.32 -9.11 -17.95
C MET A 267 -2.92 -7.92 -17.22
N CYS A 268 -2.11 -7.28 -16.40
CA CYS A 268 -2.56 -6.15 -15.60
C CYS A 268 -2.91 -4.91 -16.41
N TRP A 269 -2.22 -4.71 -17.53
CA TRP A 269 -2.47 -3.52 -18.33
C TRP A 269 -3.37 -3.69 -19.56
N GLN A 270 -4.25 -4.68 -19.52
CA GLN A 270 -5.20 -4.88 -20.60
C GLN A 270 -6.11 -3.66 -20.52
N PHE A 271 -6.35 -3.01 -21.65
CA PHE A 271 -7.18 -1.81 -21.68
C PHE A 271 -8.57 -1.99 -21.06
N ASN A 272 -9.25 -3.07 -21.47
CA ASN A 272 -10.57 -3.36 -20.94
C ASN A 272 -10.42 -3.89 -19.51
N PRO A 273 -10.95 -3.17 -18.52
CA PRO A 273 -10.83 -3.62 -17.13
C PRO A 273 -11.33 -5.04 -16.84
N LYS A 274 -12.41 -5.45 -17.48
CA LYS A 274 -12.96 -6.80 -17.27
C LYS A 274 -12.04 -7.95 -17.71
N MET A 275 -11.03 -7.64 -18.51
CA MET A 275 -10.12 -8.64 -18.99
C MET A 275 -8.92 -8.86 -18.07
N ARG A 276 -8.60 -7.85 -17.25
CA ARG A 276 -7.49 -7.98 -16.31
C ARG A 276 -7.86 -9.06 -15.28
N PRO A 277 -6.85 -9.77 -14.72
CA PRO A 277 -7.13 -10.81 -13.73
C PRO A 277 -7.49 -10.25 -12.35
N THR A 278 -7.92 -11.13 -11.44
CA THR A 278 -8.26 -10.75 -10.05
C THR A 278 -7.09 -11.15 -9.17
N PHE A 279 -6.96 -10.54 -8.00
CA PHE A 279 -5.83 -10.88 -7.12
C PHE A 279 -5.72 -12.36 -6.74
N LEU A 280 -6.85 -13.01 -6.48
CA LEU A 280 -6.80 -14.43 -6.12
C LEU A 280 -6.20 -15.27 -7.25
N GLU A 281 -6.49 -14.88 -8.50
CA GLU A 281 -5.94 -15.60 -9.64
C GLU A 281 -4.44 -15.37 -9.70
N ILE A 282 -4.01 -14.20 -9.23
CA ILE A 282 -2.61 -13.84 -9.20
C ILE A 282 -1.86 -14.68 -8.17
N VAL A 283 -2.47 -14.94 -7.01
CA VAL A 283 -1.77 -15.76 -6.03
C VAL A 283 -1.76 -17.20 -6.55
N ASN A 284 -2.85 -17.59 -7.20
CA ASN A 284 -2.97 -18.94 -7.73
C ASN A 284 -1.84 -19.26 -8.71
N LEU A 285 -1.48 -18.27 -9.52
CA LEU A 285 -0.42 -18.44 -10.50
C LEU A 285 0.97 -18.61 -9.89
N LEU A 286 1.13 -18.17 -8.64
CA LEU A 286 2.43 -18.20 -7.96
C LEU A 286 2.51 -19.10 -6.73
N LYS A 287 1.37 -19.57 -6.26
CA LYS A 287 1.30 -20.42 -5.07
C LYS A 287 2.32 -21.57 -4.99
N ASP A 288 2.84 -22.04 -6.12
CA ASP A 288 3.77 -23.17 -6.13
C ASP A 288 5.25 -22.85 -6.03
N ASP A 289 5.59 -21.59 -5.88
CA ASP A 289 6.99 -21.22 -5.77
C ASP A 289 7.16 -20.18 -4.67
N LEU A 290 6.58 -20.46 -3.50
CA LEU A 290 6.64 -19.54 -2.38
C LEU A 290 7.16 -20.16 -1.09
N HIS A 291 7.55 -19.33 -0.15
CA HIS A 291 8.07 -19.80 1.14
C HIS A 291 7.07 -20.78 1.77
N PRO A 292 7.58 -21.84 2.41
CA PRO A 292 6.70 -22.83 3.05
C PRO A 292 5.64 -22.26 3.98
N SER A 293 5.92 -21.10 4.57
CA SER A 293 4.99 -20.49 5.51
C SER A 293 3.78 -19.79 4.88
N PHE A 294 3.85 -19.53 3.58
CA PHE A 294 2.74 -18.85 2.91
C PHE A 294 1.37 -19.49 3.15
N PRO A 295 1.22 -20.78 2.84
CA PRO A 295 -0.09 -21.42 3.07
C PRO A 295 -0.54 -21.32 4.53
N GLU A 296 0.40 -21.02 5.42
CA GLU A 296 0.10 -20.90 6.83
C GLU A 296 -0.51 -19.55 7.22
N VAL A 297 -0.16 -18.49 6.49
CA VAL A 297 -0.65 -17.14 6.79
C VAL A 297 -1.41 -16.41 5.68
N SER A 298 -1.44 -16.94 4.48
CA SER A 298 -2.14 -16.26 3.39
C SER A 298 -3.65 -16.25 3.55
N PHE A 299 -4.30 -15.22 3.01
CA PHE A 299 -5.76 -15.13 3.04
C PHE A 299 -6.22 -16.16 2.00
N PHE A 300 -5.48 -16.24 0.90
CA PHE A 300 -5.75 -17.17 -0.20
C PHE A 300 -5.93 -18.60 0.31
N HIS A 301 -5.13 -19.01 1.29
CA HIS A 301 -5.20 -20.37 1.83
C HIS A 301 -6.13 -20.56 3.03
N SER A 302 -6.69 -19.46 3.54
CA SER A 302 -7.57 -19.53 4.71
C SER A 302 -9.03 -19.91 4.46
N GLU A 303 -9.68 -20.45 5.49
CA GLU A 303 -11.07 -20.85 5.36
C GLU A 303 -11.93 -19.62 5.07
N GLU A 304 -11.46 -18.46 5.51
CA GLU A 304 -12.19 -17.22 5.29
C GLU A 304 -12.42 -16.97 3.80
N ASN A 305 -11.43 -17.33 2.99
CA ASN A 305 -11.51 -17.17 1.54
C ASN A 305 -12.51 -18.18 0.99
N LYS A 306 -13.78 -17.85 1.09
CA LYS A 306 -14.86 -18.71 0.62
C LYS A 306 -15.91 -17.87 -0.11
N PRO B 1 8.18 12.42 0.99
CA PRO B 1 6.74 12.46 0.66
C PRO B 1 6.53 12.68 -0.84
N ALA B 2 6.34 11.58 -1.58
CA ALA B 2 6.15 11.62 -3.03
C ALA B 2 4.98 12.48 -3.53
N THR B 3 5.08 13.78 -3.29
CA THR B 3 4.05 14.73 -3.70
C THR B 3 3.83 14.70 -5.21
N GLY B 4 4.93 14.61 -5.96
CA GLY B 4 4.87 14.60 -7.41
C GLY B 4 4.05 13.45 -7.99
N ASP B 5 3.79 12.45 -7.17
CA ASP B 5 3.02 11.29 -7.59
C ASP B 5 1.52 11.61 -7.76
N PHE B 6 1.11 12.80 -7.33
CA PHE B 6 -0.30 13.18 -7.43
C PHE B 6 -0.53 14.44 -8.25
N MET B 7 -1.66 14.45 -8.96
CA MET B 7 -2.04 15.59 -9.77
C MET B 7 -3.47 15.96 -9.39
N ASN B 8 -3.73 17.25 -9.26
CA ASN B 8 -5.08 17.67 -8.91
C ASN B 8 -5.87 17.47 -10.19
N MET B 9 -7.03 16.83 -10.10
CA MET B 9 -7.80 16.62 -11.31
C MET B 9 -9.24 16.16 -11.13
N SER B 10 -9.94 16.19 -12.26
CA SER B 10 -11.34 15.79 -12.35
C SER B 10 -11.39 14.88 -13.60
N PRO B 11 -12.26 13.86 -13.59
CA PRO B 11 -12.34 12.97 -14.77
C PRO B 11 -12.48 13.67 -16.12
N VAL B 12 -11.52 13.41 -17.01
CA VAL B 12 -11.48 14.02 -18.34
C VAL B 12 -12.71 13.67 -19.19
N GLY B 13 -13.00 12.37 -19.31
CA GLY B 13 -14.15 11.91 -20.09
C GLY B 13 -14.55 12.80 -21.25
#